data_5DKH
#
_entry.id   5DKH
#
_cell.length_a   63.997
_cell.length_b   63.997
_cell.length_c   89.160
_cell.angle_alpha   90.00
_cell.angle_beta   90.00
_cell.angle_gamma   120.00
#
_symmetry.space_group_name_H-M   'P 31'
#
loop_
_entity.id
_entity.type
_entity.pdbx_description
1 polymer 'Probable global transcription activator SNF2L2'
2 non-polymer 'ZINC ION'
3 non-polymer (2E)-3-[(6S,9R)-4-(cyclopropylamino)-6,7,8,9-tetrahydro-5H-6,9-epiminocyclohepta[d]pyrimidin-10-yl]-1-(2-hydroxyphenyl)prop-2-en-1-one
4 non-polymer 1,2-ETHANEDIOL
5 water water
#
_entity_poly.entity_id   1
_entity_poly.type   'polypeptide(L)'
_entity_poly.pdbx_seq_one_letter_code
;SMAEKLSPNPPKLTKQMNAIIDTVINYKDSSGRQLSEVFIQLPSRKELPEYYELIRKPVDFKKIKERIRNHKYRSLGDLE
KDVMLLCHNAQTFNLEGSQIYEDSIVLQSVFKSARQKIAKEEE
;
_entity_poly.pdbx_strand_id   A,B,C
#
# COMPACT_ATOMS: atom_id res chain seq x y z
N SER A 7 -22.20 -24.61 24.61
CA SER A 7 -22.31 -23.68 25.79
C SER A 7 -22.15 -22.20 25.39
N PRO A 8 -22.71 -21.22 26.18
CA PRO A 8 -22.59 -19.77 25.91
C PRO A 8 -21.15 -19.24 25.79
N ASN A 9 -20.96 -18.11 25.08
CA ASN A 9 -19.61 -17.53 24.87
C ASN A 9 -19.12 -16.81 26.12
N PRO A 10 -17.91 -17.15 26.61
CA PRO A 10 -17.40 -16.39 27.76
C PRO A 10 -17.19 -14.93 27.38
N PRO A 11 -17.31 -14.01 28.37
CA PRO A 11 -17.08 -12.61 28.08
C PRO A 11 -15.76 -12.34 27.37
N LYS A 12 -14.70 -13.07 27.73
CA LYS A 12 -13.42 -12.90 27.10
C LYS A 12 -13.49 -13.23 25.60
N LEU A 13 -14.18 -14.32 25.27
CA LEU A 13 -14.30 -14.69 23.86
C LEU A 13 -14.97 -13.56 23.07
N THR A 14 -16.10 -13.06 23.59
CA THR A 14 -16.80 -11.96 22.95
C THR A 14 -15.83 -10.78 22.79
N LYS A 15 -15.02 -10.48 23.80
CA LYS A 15 -14.09 -9.36 23.72
C LYS A 15 -12.99 -9.61 22.70
N GLN A 16 -12.51 -10.85 22.60
CA GLN A 16 -11.53 -11.18 21.57
C GLN A 16 -12.16 -10.95 20.17
N MET A 17 -13.38 -11.42 20.00
CA MET A 17 -14.05 -11.23 18.72
C MET A 17 -14.14 -9.76 18.35
N ASN A 18 -14.61 -8.92 19.29
CA ASN A 18 -14.64 -7.48 18.99
C ASN A 18 -13.26 -6.89 18.74
N ALA A 19 -12.25 -7.33 19.47
CA ALA A 19 -10.87 -6.89 19.26
C ALA A 19 -10.38 -7.24 17.88
N ILE A 20 -10.63 -8.49 17.46
CA ILE A 20 -10.23 -8.92 16.10
C ILE A 20 -10.88 -8.07 15.05
N ILE A 21 -12.19 -7.94 15.15
CA ILE A 21 -12.94 -7.18 14.15
C ILE A 21 -12.63 -5.70 14.17
N ASP A 22 -12.49 -5.10 15.34
CA ASP A 22 -11.99 -3.73 15.42
C ASP A 22 -10.61 -3.56 14.79
N THR A 23 -9.72 -4.55 14.90
CA THR A 23 -8.42 -4.47 14.26
C THR A 23 -8.60 -4.41 12.75
N VAL A 24 -9.47 -5.30 12.25
CA VAL A 24 -9.77 -5.34 10.82
C VAL A 24 -10.39 -3.99 10.38
N ILE A 25 -11.40 -3.50 11.07
CA ILE A 25 -12.06 -2.27 10.67
C ILE A 25 -11.14 -1.05 10.74
N ASN A 26 -10.34 -0.99 11.82
CA ASN A 26 -9.49 0.13 12.02
C ASN A 26 -8.22 0.05 11.21
N TYR A 27 -7.90 -1.14 10.67
CA TYR A 27 -6.68 -1.33 9.84
C TYR A 27 -6.51 -0.30 8.77
N LYS A 28 -5.28 0.22 8.66
CA LYS A 28 -4.95 1.20 7.67
C LYS A 28 -3.73 0.68 6.97
N ASP A 29 -3.70 0.84 5.65
CA ASP A 29 -2.55 0.34 4.94
C ASP A 29 -1.36 1.28 5.22
N SER A 30 -0.26 1.07 4.53
CA SER A 30 0.92 1.93 4.68
CA SER A 30 0.89 1.95 4.72
C SER A 30 0.69 3.38 4.17
N SER A 31 -0.47 3.66 3.55
CA SER A 31 -0.82 5.01 3.06
C SER A 31 -1.84 5.67 3.95
N GLY A 32 -2.30 4.94 4.99
CA GLY A 32 -3.21 5.49 5.95
C GLY A 32 -4.66 5.38 5.52
N ARG A 33 -4.93 4.60 4.46
CA ARG A 33 -6.35 4.43 4.01
C ARG A 33 -6.95 3.29 4.80
N GLN A 34 -8.15 3.53 5.31
CA GLN A 34 -8.87 2.54 6.11
C GLN A 34 -9.57 1.62 5.11
N LEU A 35 -9.02 0.42 4.91
CA LEU A 35 -9.42 -0.43 3.83
C LEU A 35 -10.88 -0.89 4.00
N SER A 36 -11.34 -0.98 5.24
CA SER A 36 -12.69 -1.50 5.54
C SER A 36 -13.82 -0.57 5.17
N GLU A 37 -13.55 0.68 4.83
CA GLU A 37 -14.62 1.69 4.73
C GLU A 37 -15.84 1.27 3.88
N VAL A 38 -15.57 0.76 2.69
CA VAL A 38 -16.66 0.43 1.78
C VAL A 38 -17.39 -0.85 2.17
N PHE A 39 -16.81 -1.65 3.07
CA PHE A 39 -17.31 -2.96 3.46
C PHE A 39 -18.19 -2.85 4.71
N ILE A 40 -18.25 -1.66 5.31
CA ILE A 40 -18.98 -1.52 6.60
C ILE A 40 -20.47 -1.80 6.40
N GLN A 41 -21.04 -1.15 5.41
CA GLN A 41 -22.46 -1.31 5.10
C GLN A 41 -22.70 -1.49 3.62
N LEU A 42 -23.27 -2.63 3.23
CA LEU A 42 -23.68 -2.85 1.90
C LEU A 42 -24.72 -1.81 1.49
N PRO A 43 -24.69 -1.43 0.20
CA PRO A 43 -25.94 -0.81 -0.29
C PRO A 43 -27.19 -1.68 -0.14
N SER A 44 -28.33 -1.04 0.06
CA SER A 44 -29.59 -1.78 0.19
C SER A 44 -29.93 -2.57 -1.10
N ARG A 45 -30.90 -3.45 -0.96
CA ARG A 45 -31.42 -4.22 -2.10
C ARG A 45 -32.02 -3.33 -3.16
N LYS A 46 -32.65 -2.25 -2.75
CA LYS A 46 -33.13 -1.24 -3.76
C LYS A 46 -32.06 -0.49 -4.49
N GLU A 47 -31.01 -0.09 -3.79
CA GLU A 47 -29.88 0.63 -4.41
C GLU A 47 -29.08 -0.20 -5.37
N LEU A 48 -28.89 -1.48 -5.07
CA LEU A 48 -28.04 -2.33 -5.86
C LEU A 48 -28.61 -3.76 -6.00
N PRO A 49 -29.77 -3.89 -6.67
CA PRO A 49 -30.37 -5.20 -6.85
C PRO A 49 -29.46 -6.19 -7.53
N GLU A 50 -28.56 -5.69 -8.36
CA GLU A 50 -27.60 -6.54 -9.06
C GLU A 50 -26.68 -7.30 -8.11
N TYR A 51 -26.36 -6.67 -6.97
CA TYR A 51 -25.50 -7.28 -5.97
C TYR A 51 -26.20 -8.51 -5.46
N TYR A 52 -27.49 -8.35 -5.10
CA TYR A 52 -28.20 -9.43 -4.50
C TYR A 52 -28.67 -10.55 -5.41
N GLU A 53 -28.75 -10.27 -6.68
CA GLU A 53 -28.97 -11.30 -7.71
C GLU A 53 -27.81 -12.30 -7.74
N LEU A 54 -26.60 -11.80 -7.49
CA LEU A 54 -25.39 -12.57 -7.62
C LEU A 54 -24.92 -13.23 -6.35
N ILE A 55 -25.05 -12.47 -5.26
CA ILE A 55 -24.49 -12.82 -3.95
C ILE A 55 -25.59 -13.43 -3.12
N ARG A 56 -25.47 -14.73 -2.89
CA ARG A 56 -26.42 -15.59 -2.19
C ARG A 56 -26.48 -15.27 -0.72
N LYS A 57 -25.32 -14.96 -0.14
CA LYS A 57 -25.20 -14.78 1.32
C LYS A 57 -24.49 -13.46 1.65
N PRO A 58 -25.19 -12.34 1.49
CA PRO A 58 -24.61 -11.03 1.77
C PRO A 58 -24.27 -10.84 3.19
N VAL A 59 -23.19 -10.11 3.38
CA VAL A 59 -22.66 -9.80 4.72
C VAL A 59 -21.80 -8.56 4.67
N ASP A 60 -21.83 -7.72 5.69
CA ASP A 60 -20.98 -6.55 5.80
C ASP A 60 -20.45 -6.45 7.22
N PHE A 61 -19.60 -5.48 7.55
CA PHE A 61 -18.98 -5.49 8.85
C PHE A 61 -20.00 -5.08 9.91
N LYS A 62 -20.99 -4.27 9.52
CA LYS A 62 -22.11 -3.99 10.44
C LYS A 62 -22.77 -5.24 10.90
N LYS A 63 -23.02 -6.15 9.96
CA LYS A 63 -23.68 -7.41 10.23
C LYS A 63 -22.81 -8.28 11.11
N ILE A 64 -21.49 -8.33 10.82
CA ILE A 64 -20.59 -9.12 11.64
C ILE A 64 -20.59 -8.57 13.08
N LYS A 65 -20.61 -7.27 13.23
CA LYS A 65 -20.64 -6.66 14.59
C LYS A 65 -21.92 -7.05 15.30
N GLU A 66 -23.04 -7.04 14.56
CA GLU A 66 -24.34 -7.51 15.05
C GLU A 66 -24.30 -8.94 15.51
N ARG A 67 -23.68 -9.80 14.72
CA ARG A 67 -23.56 -11.21 15.07
C ARG A 67 -22.65 -11.52 16.24
N ILE A 68 -21.67 -10.66 16.47
CA ILE A 68 -20.83 -10.78 17.68
C ILE A 68 -21.70 -10.39 18.85
N ARG A 69 -22.31 -9.20 18.71
CA ARG A 69 -23.16 -8.65 19.83
C ARG A 69 -24.24 -9.64 20.26
N ASN A 70 -24.88 -10.31 19.30
CA ASN A 70 -25.95 -11.23 19.53
C ASN A 70 -25.53 -12.69 19.67
N HIS A 71 -24.24 -12.92 19.90
CA HIS A 71 -23.73 -14.24 20.32
C HIS A 71 -23.97 -15.34 19.30
N LYS A 72 -23.90 -14.96 18.02
CA LYS A 72 -24.19 -15.91 16.94
C LYS A 72 -22.98 -16.74 16.50
N TYR A 73 -21.80 -16.22 16.67
CA TYR A 73 -20.60 -17.01 16.41
C TYR A 73 -20.28 -17.86 17.67
N ARG A 74 -20.22 -19.17 17.49
CA ARG A 74 -19.96 -20.18 18.56
C ARG A 74 -18.46 -20.32 18.80
N SER A 75 -17.63 -19.73 17.92
CA SER A 75 -16.19 -19.92 17.99
C SER A 75 -15.51 -18.86 17.15
N LEU A 76 -14.23 -18.70 17.37
CA LEU A 76 -13.45 -17.83 16.47
C LEU A 76 -13.34 -18.36 15.05
N GLY A 77 -13.55 -19.67 14.85
CA GLY A 77 -13.65 -20.25 13.50
C GLY A 77 -14.91 -19.80 12.80
N ASP A 78 -16.01 -19.68 13.54
CA ASP A 78 -17.25 -19.18 12.90
C ASP A 78 -17.11 -17.73 12.49
N LEU A 79 -16.45 -16.94 13.33
CA LEU A 79 -16.16 -15.56 12.96
C LEU A 79 -15.33 -15.41 11.70
N GLU A 80 -14.24 -16.17 11.67
CA GLU A 80 -13.44 -16.26 10.49
C GLU A 80 -14.23 -16.63 9.22
N LYS A 81 -15.09 -17.64 9.28
CA LYS A 81 -15.88 -18.01 8.13
C LYS A 81 -16.68 -16.83 7.57
N ASP A 82 -17.29 -16.01 8.45
CA ASP A 82 -18.04 -14.86 7.99
C ASP A 82 -17.23 -13.75 7.41
N VAL A 83 -16.05 -13.57 7.96
CA VAL A 83 -15.14 -12.60 7.37
C VAL A 83 -14.62 -13.09 6.01
N MET A 84 -14.32 -14.37 5.90
CA MET A 84 -13.85 -14.95 4.60
C MET A 84 -14.96 -14.88 3.57
N LEU A 85 -16.22 -15.11 4.02
CA LEU A 85 -17.37 -14.91 3.16
C LEU A 85 -17.44 -13.44 2.67
N LEU A 86 -17.40 -12.45 3.56
CA LEU A 86 -17.46 -11.07 3.14
C LEU A 86 -16.43 -10.78 1.99
N CYS A 87 -15.20 -11.21 2.23
CA CYS A 87 -14.15 -10.99 1.27
C CYS A 87 -14.43 -11.76 -0.03
N HIS A 88 -14.88 -13.01 0.08
CA HIS A 88 -15.26 -13.78 -1.09
C HIS A 88 -16.37 -13.15 -1.93
N ASN A 89 -17.36 -12.62 -1.25
CA ASN A 89 -18.39 -11.88 -1.93
C ASN A 89 -17.91 -10.61 -2.64
N ALA A 90 -16.96 -9.91 -2.05
CA ALA A 90 -16.36 -8.74 -2.65
C ALA A 90 -15.56 -9.15 -3.93
N GLN A 91 -14.91 -10.30 -3.87
CA GLN A 91 -14.12 -10.79 -5.00
C GLN A 91 -15.03 -11.29 -6.13
N THR A 92 -16.19 -11.85 -5.73
CA THR A 92 -17.18 -12.30 -6.65
C THR A 92 -17.81 -11.10 -7.39
N PHE A 93 -18.27 -10.07 -6.67
CA PHE A 93 -18.98 -8.96 -7.32
C PHE A 93 -18.18 -7.92 -8.10
N ASN A 94 -17.01 -7.64 -7.55
CA ASN A 94 -16.16 -6.60 -8.03
C ASN A 94 -15.12 -7.11 -9.01
N LEU A 95 -14.75 -6.27 -9.93
CA LEU A 95 -13.82 -6.69 -11.00
C LEU A 95 -12.51 -7.08 -10.43
N GLU A 96 -11.99 -8.17 -11.01
CA GLU A 96 -10.67 -8.62 -10.64
C GLU A 96 -9.73 -7.48 -10.93
N GLY A 97 -8.86 -7.20 -9.99
CA GLY A 97 -7.98 -6.08 -10.11
C GLY A 97 -8.46 -4.72 -9.71
N SER A 98 -9.75 -4.52 -9.40
CA SER A 98 -10.22 -3.23 -8.86
C SER A 98 -9.69 -3.03 -7.44
N GLN A 99 -9.73 -1.81 -6.95
CA GLN A 99 -9.20 -1.51 -5.58
C GLN A 99 -9.99 -2.27 -4.51
N ILE A 100 -11.29 -2.28 -4.68
CA ILE A 100 -12.18 -3.06 -3.79
C ILE A 100 -11.84 -4.56 -3.80
N TYR A 101 -11.57 -5.14 -4.96
CA TYR A 101 -11.16 -6.56 -5.01
C TYR A 101 -9.85 -6.72 -4.23
N GLU A 102 -8.87 -5.88 -4.54
CA GLU A 102 -7.56 -6.00 -3.92
C GLU A 102 -7.58 -5.80 -2.40
N ASP A 103 -8.38 -4.83 -1.95
CA ASP A 103 -8.60 -4.53 -0.52
C ASP A 103 -9.14 -5.70 0.23
N SER A 104 -10.12 -6.40 -0.35
CA SER A 104 -10.65 -7.62 0.24
C SER A 104 -9.66 -8.76 0.46
N ILE A 105 -8.70 -8.89 -0.45
CA ILE A 105 -7.62 -9.85 -0.26
C ILE A 105 -6.82 -9.47 0.97
N VAL A 106 -6.45 -8.21 1.11
CA VAL A 106 -5.64 -7.76 2.20
C VAL A 106 -6.39 -7.95 3.52
N LEU A 107 -7.69 -7.62 3.53
CA LEU A 107 -8.40 -7.78 4.79
C LEU A 107 -8.47 -9.24 5.23
N GLN A 108 -8.41 -10.19 4.30
CA GLN A 108 -8.27 -11.61 4.68
C GLN A 108 -7.03 -11.86 5.58
N SER A 109 -5.89 -11.38 5.10
CA SER A 109 -4.63 -11.44 5.83
C SER A 109 -4.64 -10.73 7.17
N VAL A 110 -5.22 -9.53 7.16
CA VAL A 110 -5.33 -8.74 8.37
C VAL A 110 -6.14 -9.49 9.38
N PHE A 111 -7.29 -10.04 8.93
CA PHE A 111 -8.03 -10.88 9.83
C PHE A 111 -7.16 -12.03 10.41
N LYS A 112 -6.54 -12.81 9.56
CA LYS A 112 -5.81 -14.00 10.07
C LYS A 112 -4.71 -13.59 11.02
N SER A 113 -4.03 -12.49 10.70
CA SER A 113 -3.00 -11.90 11.60
C SER A 113 -3.55 -11.48 12.94
N ALA A 114 -4.69 -10.77 12.91
CA ALA A 114 -5.33 -10.30 14.14
C ALA A 114 -5.86 -11.44 15.00
N ARG A 115 -6.40 -12.49 14.34
CA ARG A 115 -6.97 -13.61 15.10
C ARG A 115 -5.82 -14.25 15.89
N GLN A 116 -4.70 -14.39 15.25
CA GLN A 116 -3.55 -15.07 15.89
C GLN A 116 -3.00 -14.23 17.02
N LYS A 117 -2.76 -12.96 16.73
CA LYS A 117 -2.25 -12.04 17.72
C LYS A 117 -3.17 -11.97 18.96
N ILE A 118 -4.47 -11.84 18.74
CA ILE A 118 -5.40 -11.71 19.84
C ILE A 118 -5.65 -13.02 20.64
N ALA A 119 -5.78 -14.14 19.95
CA ALA A 119 -6.09 -15.40 20.63
C ALA A 119 -4.82 -15.95 21.31
N LYS A 120 -3.64 -15.75 20.70
CA LYS A 120 -2.39 -16.26 21.33
C LYS A 120 -1.77 -15.30 22.36
N GLU A 121 -2.57 -14.33 22.82
CA GLU A 121 -2.15 -13.25 23.70
C GLU A 121 -1.37 -12.18 22.93
N GLU A 122 -0.13 -12.49 22.50
CA GLU A 122 0.75 -11.59 21.71
C GLU A 122 0.00 -10.48 20.97
N PRO B 11 -18.87 17.91 -5.42
CA PRO B 11 -18.11 16.69 -5.35
C PRO B 11 -18.45 15.46 -6.17
N LYS B 12 -19.40 15.55 -7.12
CA LYS B 12 -19.45 14.58 -8.23
C LYS B 12 -18.18 14.74 -9.07
N LEU B 13 -17.90 15.97 -9.47
CA LEU B 13 -16.73 16.27 -10.29
C LEU B 13 -15.42 15.97 -9.54
N THR B 14 -15.39 16.20 -8.23
CA THR B 14 -14.22 15.93 -7.38
C THR B 14 -13.92 14.42 -7.37
N LYS B 15 -14.97 13.63 -7.20
CA LYS B 15 -14.83 12.17 -7.25
C LYS B 15 -14.31 11.67 -8.61
N GLN B 16 -14.82 12.23 -9.72
CA GLN B 16 -14.36 11.88 -11.03
C GLN B 16 -12.87 12.22 -11.17
N MET B 17 -12.54 13.47 -10.90
CA MET B 17 -11.11 13.90 -11.06
C MET B 17 -10.16 13.07 -10.20
N ASN B 18 -10.55 12.77 -8.94
CA ASN B 18 -9.74 11.90 -8.12
C ASN B 18 -9.59 10.51 -8.67
N ALA B 19 -10.66 9.97 -9.26
CA ALA B 19 -10.61 8.64 -9.83
C ALA B 19 -9.63 8.61 -10.99
N ILE B 20 -9.73 9.65 -11.83
CA ILE B 20 -8.84 9.78 -12.98
C ILE B 20 -7.38 9.88 -12.54
N ILE B 21 -7.08 10.83 -11.66
CA ILE B 21 -5.67 11.00 -11.27
C ILE B 21 -5.18 9.80 -10.50
N ASP B 22 -6.04 9.22 -9.67
CA ASP B 22 -5.60 8.04 -8.97
C ASP B 22 -5.24 6.90 -9.97
N THR B 23 -5.94 6.82 -11.11
CA THR B 23 -5.63 5.82 -12.16
C THR B 23 -4.22 6.06 -12.72
N VAL B 24 -3.93 7.34 -12.98
CA VAL B 24 -2.64 7.78 -13.49
C VAL B 24 -1.54 7.48 -12.52
N ILE B 25 -1.76 7.85 -11.26
CA ILE B 25 -0.72 7.61 -10.27
C ILE B 25 -0.46 6.12 -10.03
N ASN B 26 -1.52 5.31 -9.99
CA ASN B 26 -1.35 3.91 -9.68
C ASN B 26 -0.89 3.08 -10.84
N TYR B 27 -0.94 3.65 -12.04
CA TYR B 27 -0.58 2.92 -13.25
C TYR B 27 0.80 2.27 -13.13
N LYS B 28 0.84 0.96 -13.43
CA LYS B 28 2.07 0.22 -13.64
C LYS B 28 2.21 -0.24 -15.08
N ASP B 29 3.42 -0.15 -15.60
CA ASP B 29 3.71 -0.68 -16.93
C ASP B 29 3.75 -2.23 -16.81
N SER B 30 3.99 -2.86 -17.95
CA SER B 30 4.04 -4.36 -18.04
C SER B 30 5.08 -4.98 -17.15
N SER B 31 6.15 -4.23 -16.89
CA SER B 31 7.18 -4.67 -15.95
C SER B 31 6.83 -4.58 -14.46
N GLY B 32 5.74 -3.92 -14.10
CA GLY B 32 5.35 -3.75 -12.74
C GLY B 32 5.77 -2.41 -12.14
N ARG B 33 6.38 -1.54 -12.95
CA ARG B 33 6.83 -0.24 -12.46
C ARG B 33 5.75 0.85 -12.48
N GLN B 34 5.60 1.55 -11.34
CA GLN B 34 4.66 2.64 -11.22
C GLN B 34 5.32 3.86 -11.85
N LEU B 35 4.85 4.21 -13.03
CA LEU B 35 5.51 5.26 -13.80
C LEU B 35 5.46 6.65 -13.14
N SER B 36 4.43 6.93 -12.38
CA SER B 36 4.26 8.26 -11.77
C SER B 36 5.25 8.60 -10.68
N GLU B 37 6.01 7.61 -10.18
CA GLU B 37 6.73 7.78 -8.91
C GLU B 37 7.56 9.09 -8.85
N VAL B 38 8.37 9.30 -9.86
CA VAL B 38 9.23 10.52 -9.91
C VAL B 38 8.45 11.84 -10.06
N PHE B 39 7.20 11.77 -10.49
CA PHE B 39 6.41 12.95 -10.84
C PHE B 39 5.49 13.44 -9.69
N ILE B 40 5.43 12.70 -8.59
CA ILE B 40 4.54 13.03 -7.50
C ILE B 40 4.98 14.34 -6.86
N GLN B 41 6.29 14.48 -6.60
CA GLN B 41 6.78 15.71 -5.97
C GLN B 41 8.08 16.13 -6.58
N LEU B 42 8.10 17.34 -7.08
CA LEU B 42 9.30 17.90 -7.68
C LEU B 42 10.40 18.01 -6.62
N PRO B 43 11.63 17.94 -7.05
CA PRO B 43 12.73 18.36 -6.14
C PRO B 43 12.52 19.77 -5.75
N SER B 44 13.00 20.15 -4.55
CA SER B 44 12.84 21.51 -4.12
C SER B 44 13.72 22.43 -4.91
N ARG B 45 13.41 23.72 -4.85
CA ARG B 45 14.21 24.77 -5.47
C ARG B 45 15.62 24.75 -4.90
N LYS B 46 15.77 24.31 -3.64
CA LYS B 46 17.08 24.23 -3.02
C LYS B 46 17.87 23.02 -3.42
N GLU B 47 17.20 21.92 -3.72
CA GLU B 47 17.86 20.69 -4.20
C GLU B 47 18.27 20.78 -5.64
N LEU B 48 17.43 21.45 -6.45
CA LEU B 48 17.56 21.47 -7.92
C LEU B 48 17.16 22.79 -8.48
N PRO B 49 17.95 23.84 -8.12
CA PRO B 49 17.67 25.14 -8.64
C PRO B 49 17.67 25.17 -10.18
N GLU B 50 18.47 24.27 -10.75
CA GLU B 50 18.67 24.20 -12.19
C GLU B 50 17.34 23.97 -12.87
N TYR B 51 16.46 23.19 -12.21
CA TYR B 51 15.11 22.92 -12.75
C TYR B 51 14.29 24.17 -12.93
N TYR B 52 14.31 24.99 -11.89
CA TYR B 52 13.47 26.19 -11.81
C TYR B 52 14.04 27.30 -12.67
N GLU B 53 15.32 27.22 -13.07
CA GLU B 53 15.91 28.19 -13.98
C GLU B 53 15.40 27.93 -15.38
N LEU B 54 15.07 26.68 -15.68
CA LEU B 54 14.55 26.31 -17.00
C LEU B 54 13.02 26.32 -17.14
N ILE B 55 12.33 25.75 -16.16
CA ILE B 55 10.91 25.48 -16.24
C ILE B 55 10.13 26.66 -15.63
N ARG B 56 9.38 27.37 -16.47
CA ARG B 56 8.69 28.61 -16.12
C ARG B 56 7.48 28.39 -15.23
N LYS B 57 6.81 27.25 -15.41
CA LYS B 57 5.55 26.95 -14.73
C LYS B 57 5.63 25.53 -14.08
N PRO B 58 6.36 25.41 -12.97
CA PRO B 58 6.48 24.05 -12.38
C PRO B 58 5.17 23.54 -11.83
N VAL B 59 5.01 22.21 -11.89
CA VAL B 59 3.82 21.50 -11.38
C VAL B 59 4.18 20.01 -11.15
N ASP B 60 3.54 19.38 -10.16
CA ASP B 60 3.71 17.99 -9.86
C ASP B 60 2.36 17.36 -9.52
N PHE B 61 2.27 16.05 -9.38
CA PHE B 61 1.00 15.39 -9.08
C PHE B 61 0.48 15.78 -7.70
N LYS B 62 1.36 16.09 -6.74
CA LYS B 62 0.89 16.57 -5.45
C LYS B 62 0.10 17.85 -5.59
N LYS B 63 0.62 18.76 -6.39
CA LYS B 63 -0.03 20.00 -6.68
C LYS B 63 -1.36 19.81 -7.37
N ILE B 64 -1.38 18.95 -8.38
CA ILE B 64 -2.66 18.63 -9.07
C ILE B 64 -3.73 18.04 -8.10
N LYS B 65 -3.31 17.16 -7.21
CA LYS B 65 -4.17 16.64 -6.18
C LYS B 65 -4.69 17.71 -5.26
N GLU B 66 -3.82 18.69 -4.95
CA GLU B 66 -4.22 19.83 -4.14
C GLU B 66 -5.30 20.66 -4.82
N ARG B 67 -5.07 20.89 -6.11
CA ARG B 67 -6.04 21.66 -6.87
C ARG B 67 -7.37 20.89 -7.04
N ILE B 68 -7.32 19.57 -7.13
CA ILE B 68 -8.58 18.80 -7.12
C ILE B 68 -9.19 18.97 -5.77
N ARG B 69 -8.41 18.74 -4.71
CA ARG B 69 -8.96 18.74 -3.35
C ARG B 69 -9.64 20.04 -3.00
N ASN B 70 -9.08 21.16 -3.39
CA ASN B 70 -9.60 22.44 -3.06
C ASN B 70 -10.47 23.06 -4.13
N HIS B 71 -10.91 22.26 -5.08
CA HIS B 71 -11.99 22.64 -6.00
C HIS B 71 -11.58 23.74 -6.90
N LYS B 72 -10.33 23.67 -7.36
CA LYS B 72 -9.79 24.74 -8.18
C LYS B 72 -9.99 24.48 -9.67
N TYR B 73 -10.23 23.25 -10.10
CA TYR B 73 -10.40 22.96 -11.55
C TYR B 73 -11.86 23.11 -11.90
N ARG B 74 -12.20 24.04 -12.76
CA ARG B 74 -13.61 24.22 -13.14
C ARG B 74 -14.13 23.09 -14.01
N SER B 75 -13.23 22.40 -14.72
CA SER B 75 -13.62 21.41 -15.69
C SER B 75 -12.50 20.40 -15.83
N LEU B 76 -12.87 19.27 -16.43
CA LEU B 76 -11.91 18.22 -16.80
C LEU B 76 -10.86 18.73 -17.79
N GLY B 77 -11.22 19.70 -18.63
CA GLY B 77 -10.28 20.41 -19.47
C GLY B 77 -9.17 21.12 -18.73
N ASP B 78 -9.54 21.76 -17.63
CA ASP B 78 -8.58 22.49 -16.80
C ASP B 78 -7.67 21.50 -16.09
N LEU B 79 -8.23 20.37 -15.69
CA LEU B 79 -7.37 19.30 -15.10
C LEU B 79 -6.40 18.80 -16.13
N GLU B 80 -6.91 18.48 -17.32
CA GLU B 80 -6.04 17.98 -18.39
C GLU B 80 -4.92 18.93 -18.70
N LYS B 81 -5.18 20.22 -18.73
CA LYS B 81 -4.12 21.21 -19.00
C LYS B 81 -2.95 21.13 -18.01
N ASP B 82 -3.26 20.97 -16.71
CA ASP B 82 -2.19 20.79 -15.73
C ASP B 82 -1.44 19.51 -15.86
N VAL B 83 -2.11 18.43 -16.20
CA VAL B 83 -1.41 17.16 -16.45
C VAL B 83 -0.49 17.25 -17.68
N MET B 84 -0.99 17.87 -18.74
CA MET B 84 -0.18 18.06 -19.96
C MET B 84 1.00 18.97 -19.72
N LEU B 85 0.82 19.98 -18.88
CA LEU B 85 1.94 20.83 -18.46
C LEU B 85 3.00 20.05 -17.74
N LEU B 86 2.59 19.23 -16.76
CA LEU B 86 3.52 18.37 -16.05
C LEU B 86 4.38 17.56 -17.01
N CYS B 87 3.73 16.92 -17.94
CA CYS B 87 4.41 16.06 -18.93
C CYS B 87 5.35 16.87 -19.84
N HIS B 88 4.89 18.02 -20.26
CA HIS B 88 5.67 18.95 -21.05
C HIS B 88 6.94 19.41 -20.33
N ASN B 89 6.81 19.77 -19.05
CA ASN B 89 7.97 20.13 -18.27
C ASN B 89 8.99 19.00 -18.14
N ALA B 90 8.51 17.78 -17.99
CA ALA B 90 9.31 16.59 -17.81
C ALA B 90 10.10 16.40 -19.13
N GLN B 91 9.43 16.66 -20.25
CA GLN B 91 10.06 16.45 -21.60
C GLN B 91 11.02 17.58 -21.88
N THR B 92 10.78 18.74 -21.26
CA THR B 92 11.65 19.91 -21.47
C THR B 92 12.98 19.74 -20.72
N PHE B 93 12.86 19.35 -19.43
CA PHE B 93 14.02 19.28 -18.56
C PHE B 93 14.91 18.05 -18.79
N ASN B 94 14.30 16.90 -19.11
CA ASN B 94 15.02 15.64 -19.18
C ASN B 94 15.35 15.31 -20.65
N LEU B 95 16.37 14.50 -20.89
CA LEU B 95 16.79 14.23 -22.27
C LEU B 95 15.81 13.36 -23.03
N GLU B 96 15.62 13.68 -24.30
CA GLU B 96 14.83 12.84 -25.20
C GLU B 96 15.42 11.46 -25.16
N GLY B 97 14.53 10.47 -25.08
CA GLY B 97 14.95 9.07 -24.99
C GLY B 97 15.30 8.57 -23.59
N SER B 98 15.40 9.46 -22.59
CA SER B 98 15.56 9.05 -21.19
C SER B 98 14.29 8.31 -20.72
N GLN B 99 14.46 7.43 -19.73
CA GLN B 99 13.32 6.77 -19.13
C GLN B 99 12.29 7.75 -18.64
N ILE B 100 12.69 8.81 -17.93
CA ILE B 100 11.70 9.80 -17.42
C ILE B 100 10.93 10.55 -18.54
N TYR B 101 11.65 10.89 -19.63
CA TYR B 101 11.01 11.56 -20.76
C TYR B 101 9.95 10.60 -21.33
N GLU B 102 10.35 9.34 -21.54
CA GLU B 102 9.45 8.36 -22.12
C GLU B 102 8.26 8.04 -21.24
N ASP B 103 8.48 7.97 -19.93
CA ASP B 103 7.41 7.71 -18.97
C ASP B 103 6.37 8.81 -19.04
N SER B 104 6.82 10.07 -19.19
CA SER B 104 5.89 11.17 -19.23
C SER B 104 4.98 11.09 -20.48
N ILE B 105 5.52 10.60 -21.58
CA ILE B 105 4.67 10.37 -22.78
C ILE B 105 3.61 9.33 -22.51
N VAL B 106 4.00 8.22 -21.89
CA VAL B 106 3.03 7.18 -21.51
C VAL B 106 1.95 7.77 -20.63
N LEU B 107 2.33 8.53 -19.59
CA LEU B 107 1.36 9.05 -18.66
C LEU B 107 0.33 9.99 -19.32
N GLN B 108 0.73 10.74 -20.35
CA GLN B 108 -0.25 11.52 -21.10
C GLN B 108 -1.37 10.62 -21.62
N SER B 109 -0.98 9.48 -22.15
CA SER B 109 -1.94 8.50 -22.70
C SER B 109 -2.73 7.84 -21.65
N VAL B 110 -2.09 7.52 -20.52
CA VAL B 110 -2.82 6.94 -19.40
C VAL B 110 -3.91 7.93 -18.94
N PHE B 111 -3.53 9.20 -18.78
CA PHE B 111 -4.51 10.23 -18.42
C PHE B 111 -5.68 10.25 -19.40
N LYS B 112 -5.38 10.31 -20.70
CA LYS B 112 -6.46 10.37 -21.69
C LYS B 112 -7.39 9.15 -21.62
N SER B 113 -6.81 7.95 -21.47
CA SER B 113 -7.58 6.70 -21.32
C SER B 113 -8.44 6.67 -20.07
N ALA B 114 -7.87 7.15 -18.95
CA ALA B 114 -8.58 7.22 -17.66
C ALA B 114 -9.73 8.19 -17.74
N ARG B 115 -9.51 9.35 -18.37
CA ARG B 115 -10.54 10.36 -18.56
C ARG B 115 -11.72 9.81 -19.38
N GLN B 116 -11.40 9.16 -20.50
CA GLN B 116 -12.41 8.53 -21.36
C GLN B 116 -13.33 7.56 -20.62
N LYS B 117 -12.71 6.58 -19.99
CA LYS B 117 -13.40 5.49 -19.32
C LYS B 117 -14.22 6.03 -18.17
N ILE B 118 -13.57 6.78 -17.29
CA ILE B 118 -14.20 7.16 -16.01
C ILE B 118 -15.29 8.20 -16.24
N ALA B 119 -15.07 9.14 -17.16
CA ALA B 119 -15.97 10.28 -17.30
C ALA B 119 -16.96 10.20 -18.46
N LYS B 120 -16.58 9.60 -19.58
CA LYS B 120 -17.52 9.43 -20.73
C LYS B 120 -18.02 10.76 -21.32
N PRO C 10 9.92 13.55 16.69
CA PRO C 10 9.90 12.11 16.95
C PRO C 10 8.58 11.34 16.70
N PRO C 11 7.41 11.84 17.17
CA PRO C 11 6.15 11.12 16.88
C PRO C 11 5.78 10.95 15.37
N LYS C 12 6.10 11.97 14.58
CA LYS C 12 5.84 11.89 13.15
C LYS C 12 6.88 10.93 12.49
N LEU C 13 8.10 10.90 13.03
CA LEU C 13 9.15 9.98 12.55
C LEU C 13 8.76 8.51 12.78
N THR C 14 8.37 8.17 14.00
CA THR C 14 7.90 6.82 14.25
C THR C 14 6.79 6.37 13.24
N LYS C 15 5.77 7.20 13.01
CA LYS C 15 4.69 6.90 12.04
C LYS C 15 5.25 6.67 10.63
N GLN C 16 6.15 7.56 10.22
CA GLN C 16 6.84 7.45 8.92
C GLN C 16 7.59 6.12 8.81
N MET C 17 8.39 5.79 9.82
CA MET C 17 9.23 4.57 9.75
C MET C 17 8.34 3.34 9.71
N ASN C 18 7.25 3.37 10.46
CA ASN C 18 6.36 2.20 10.47
C ASN C 18 5.69 2.04 9.12
N ALA C 19 5.29 3.15 8.50
CA ALA C 19 4.65 3.12 7.21
C ALA C 19 5.61 2.58 6.16
N ILE C 20 6.86 3.04 6.25
CA ILE C 20 7.89 2.63 5.29
C ILE C 20 8.16 1.13 5.40
N ILE C 21 8.41 0.66 6.64
CA ILE C 21 8.74 -0.74 6.85
C ILE C 21 7.55 -1.64 6.54
N ASP C 22 6.35 -1.19 6.86
CA ASP C 22 5.16 -2.01 6.51
C ASP C 22 4.98 -2.12 4.97
N THR C 23 5.28 -1.07 4.22
CA THR C 23 5.23 -1.14 2.75
C THR C 23 6.20 -2.22 2.24
N VAL C 24 7.42 -2.23 2.83
CA VAL C 24 8.40 -3.27 2.48
C VAL C 24 7.96 -4.65 2.84
N ILE C 25 7.44 -4.79 4.06
CA ILE C 25 7.09 -6.10 4.54
C ILE C 25 5.85 -6.63 3.80
N ASN C 26 4.93 -5.74 3.51
CA ASN C 26 3.68 -6.19 2.84
C ASN C 26 3.78 -6.41 1.33
N TYR C 27 4.87 -5.95 0.73
CA TYR C 27 4.95 -5.98 -0.73
C TYR C 27 4.81 -7.40 -1.28
N LYS C 28 3.97 -7.57 -2.32
CA LYS C 28 3.91 -8.80 -3.08
C LYS C 28 4.32 -8.62 -4.53
N ASP C 29 4.95 -9.65 -5.09
CA ASP C 29 5.25 -9.59 -6.51
C ASP C 29 3.95 -9.89 -7.33
N SER C 30 4.09 -9.91 -8.64
CA SER C 30 2.86 -10.09 -9.47
C SER C 30 2.22 -11.46 -9.27
N SER C 31 2.99 -12.46 -8.83
CA SER C 31 2.46 -13.78 -8.50
C SER C 31 1.70 -13.82 -7.19
N GLY C 32 1.75 -12.73 -6.41
CA GLY C 32 1.13 -12.68 -5.07
C GLY C 32 2.06 -13.15 -3.92
N ARG C 33 3.34 -13.34 -4.17
CA ARG C 33 4.25 -13.85 -3.14
C ARG C 33 4.79 -12.66 -2.34
N GLN C 34 4.80 -12.77 -1.03
CA GLN C 34 5.24 -11.67 -0.14
C GLN C 34 6.73 -11.90 0.02
N LEU C 35 7.51 -11.03 -0.61
CA LEU C 35 8.91 -11.28 -0.74
C LEU C 35 9.63 -11.21 0.62
N SER C 36 9.07 -10.49 1.57
CA SER C 36 9.72 -10.28 2.87
C SER C 36 9.78 -11.54 3.74
N GLU C 37 9.00 -12.54 3.41
CA GLU C 37 8.76 -13.67 4.30
C GLU C 37 10.01 -14.29 4.95
N VAL C 38 11.01 -14.62 4.14
CA VAL C 38 12.21 -15.25 4.63
C VAL C 38 13.07 -14.28 5.44
N PHE C 39 12.84 -12.98 5.34
CA PHE C 39 13.69 -11.97 5.97
C PHE C 39 13.15 -11.47 7.30
N ILE C 40 11.96 -11.95 7.69
CA ILE C 40 11.34 -11.45 8.93
C ILE C 40 12.17 -11.85 10.17
N GLN C 41 12.52 -13.13 10.22
CA GLN C 41 13.31 -13.69 11.29
C GLN C 41 14.42 -14.58 10.73
N LEU C 42 15.66 -14.23 11.02
CA LEU C 42 16.82 -15.09 10.76
C LEU C 42 16.66 -16.53 11.28
N PRO C 43 17.26 -17.51 10.61
CA PRO C 43 17.38 -18.80 11.26
C PRO C 43 18.29 -18.71 12.48
N SER C 44 18.15 -19.68 13.37
CA SER C 44 19.04 -19.83 14.51
C SER C 44 20.47 -20.20 14.14
N ARG C 45 21.39 -19.77 15.00
CA ARG C 45 22.78 -20.30 15.07
C ARG C 45 22.90 -21.83 14.94
N LYS C 46 21.97 -22.51 15.63
CA LYS C 46 21.89 -23.97 15.66
C LYS C 46 21.62 -24.54 14.27
N GLU C 47 20.62 -23.98 13.59
CA GLU C 47 20.17 -24.53 12.30
C GLU C 47 21.13 -24.21 11.16
N LEU C 48 21.75 -23.04 11.20
CA LEU C 48 22.54 -22.56 10.07
C LEU C 48 23.80 -21.82 10.56
N PRO C 49 24.82 -22.59 10.98
CA PRO C 49 26.05 -21.96 11.46
C PRO C 49 26.89 -21.31 10.36
N GLU C 50 26.82 -21.85 9.15
CA GLU C 50 27.48 -21.25 8.02
C GLU C 50 27.10 -19.77 8.01
N TYR C 51 25.80 -19.46 8.20
CA TYR C 51 25.35 -18.04 8.18
C TYR C 51 26.15 -17.17 9.13
N TYR C 52 26.31 -17.64 10.37
CA TYR C 52 26.86 -16.79 11.44
C TYR C 52 28.36 -16.68 11.46
N GLU C 53 29.06 -17.64 10.86
CA GLU C 53 30.49 -17.49 10.65
C GLU C 53 30.77 -16.51 9.50
N LEU C 54 29.95 -16.52 8.42
CA LEU C 54 30.13 -15.58 7.27
C LEU C 54 29.59 -14.16 7.51
N ILE C 55 28.46 -14.02 8.19
CA ILE C 55 27.83 -12.70 8.29
C ILE C 55 28.16 -11.96 9.59
N ARG C 56 28.86 -10.83 9.45
CA ARG C 56 29.41 -10.05 10.58
C ARG C 56 28.39 -9.41 11.47
N LYS C 57 27.34 -8.85 10.86
CA LYS C 57 26.31 -8.13 11.58
C LYS C 57 24.92 -8.58 11.11
N PRO C 58 24.45 -9.71 11.65
CA PRO C 58 23.14 -10.21 11.27
C PRO C 58 22.06 -9.24 11.67
N VAL C 59 21.03 -9.14 10.83
CA VAL C 59 19.84 -8.34 11.13
C VAL C 59 18.62 -8.91 10.40
N ASP C 60 17.41 -8.78 10.97
CA ASP C 60 16.18 -9.21 10.31
C ASP C 60 15.11 -8.13 10.48
N PHE C 61 13.96 -8.27 9.85
CA PHE C 61 12.91 -7.24 9.91
C PHE C 61 12.28 -7.15 11.32
N LYS C 62 12.29 -8.27 12.02
CA LYS C 62 11.90 -8.26 13.46
C LYS C 62 12.73 -7.29 14.28
N LYS C 63 14.06 -7.34 14.11
CA LYS C 63 14.97 -6.47 14.81
C LYS C 63 14.78 -5.05 14.37
N ILE C 64 14.61 -4.82 13.03
CA ILE C 64 14.40 -3.45 12.60
C ILE C 64 13.08 -2.89 13.19
N LYS C 65 12.00 -3.68 13.30
CA LYS C 65 10.75 -3.19 13.90
C LYS C 65 10.98 -2.91 15.42
N GLU C 66 11.77 -3.75 16.05
CA GLU C 66 12.16 -3.54 17.47
C GLU C 66 12.82 -2.19 17.64
N ARG C 67 13.77 -1.89 16.76
CA ARG C 67 14.47 -0.60 16.78
C ARG C 67 13.55 0.62 16.45
N ILE C 68 12.55 0.48 15.57
CA ILE C 68 11.58 1.56 15.39
C ILE C 68 10.74 1.71 16.69
N ARG C 69 10.21 0.57 17.14
CA ARG C 69 9.27 0.57 18.30
C ARG C 69 9.94 1.21 19.52
N ASN C 70 11.23 0.89 19.74
CA ASN C 70 11.98 1.37 20.89
C ASN C 70 12.77 2.67 20.67
N HIS C 71 12.45 3.36 19.55
CA HIS C 71 12.89 4.72 19.30
C HIS C 71 14.41 4.84 19.16
N LYS C 72 15.03 3.82 18.55
CA LYS C 72 16.48 3.76 18.44
C LYS C 72 16.98 4.44 17.17
N TYR C 73 16.14 4.56 16.15
CA TYR C 73 16.60 5.25 14.91
C TYR C 73 16.39 6.77 15.02
N ARG C 74 17.41 7.57 14.78
CA ARG C 74 17.32 9.03 14.91
C ARG C 74 16.81 9.71 13.65
N SER C 75 16.88 8.99 12.53
CA SER C 75 16.52 9.54 11.24
C SER C 75 16.17 8.41 10.29
N LEU C 76 15.51 8.75 9.20
CA LEU C 76 15.27 7.79 8.14
C LEU C 76 16.55 7.21 7.60
N GLY C 77 17.64 7.98 7.55
CA GLY C 77 18.94 7.44 7.11
C GLY C 77 19.42 6.32 7.99
N ASP C 78 19.20 6.45 9.29
CA ASP C 78 19.61 5.40 10.20
C ASP C 78 18.80 4.11 9.93
N LEU C 79 17.50 4.23 9.73
CA LEU C 79 16.65 3.08 9.38
C LEU C 79 17.12 2.46 8.07
N GLU C 80 17.35 3.34 7.10
CA GLU C 80 17.87 2.90 5.80
C GLU C 80 19.14 2.07 5.91
N LYS C 81 20.08 2.48 6.77
CA LYS C 81 21.32 1.73 6.94
C LYS C 81 21.06 0.27 7.32
N ASP C 82 20.14 0.06 8.27
CA ASP C 82 19.79 -1.31 8.66
C ASP C 82 19.10 -2.09 7.59
N VAL C 83 18.18 -1.45 6.85
CA VAL C 83 17.53 -2.11 5.76
C VAL C 83 18.53 -2.53 4.65
N MET C 84 19.47 -1.66 4.33
CA MET C 84 20.49 -1.97 3.36
C MET C 84 21.43 -3.05 3.83
N LEU C 85 21.75 -3.06 5.12
CA LEU C 85 22.50 -4.09 5.72
C LEU C 85 21.83 -5.42 5.55
N LEU C 86 20.52 -5.51 5.89
CA LEU C 86 19.76 -6.74 5.75
C LEU C 86 19.87 -7.29 4.32
N CYS C 87 19.65 -6.39 3.38
CA CYS C 87 19.71 -6.76 1.95
C CYS C 87 21.10 -7.16 1.55
N HIS C 88 22.10 -6.44 2.06
CA HIS C 88 23.49 -6.74 1.70
C HIS C 88 23.90 -8.12 2.27
N ASN C 89 23.47 -8.40 3.51
CA ASN C 89 23.74 -9.72 4.08
C ASN C 89 23.13 -10.86 3.26
N ALA C 90 21.92 -10.67 2.78
CA ALA C 90 21.19 -11.66 2.04
C ALA C 90 21.93 -11.89 0.70
N GLN C 91 22.39 -10.79 0.11
CA GLN C 91 23.20 -10.87 -1.13
C GLN C 91 24.58 -11.50 -0.88
N THR C 92 25.14 -11.34 0.29
CA THR C 92 26.43 -11.94 0.64
C THR C 92 26.32 -13.46 0.82
N PHE C 93 25.33 -13.89 1.62
CA PHE C 93 25.16 -15.31 2.00
C PHE C 93 24.59 -16.16 0.87
N ASN C 94 23.69 -15.61 0.06
CA ASN C 94 23.00 -16.38 -0.97
C ASN C 94 23.61 -16.21 -2.35
N LEU C 95 23.43 -17.21 -3.22
CA LEU C 95 23.98 -17.11 -4.58
C LEU C 95 23.34 -16.00 -5.43
N GLU C 96 24.15 -15.29 -6.22
CA GLU C 96 23.63 -14.40 -7.23
C GLU C 96 22.62 -15.19 -8.10
N GLY C 97 21.48 -14.55 -8.37
CA GLY C 97 20.37 -15.13 -9.14
C GLY C 97 19.49 -16.13 -8.43
N SER C 98 19.82 -16.46 -7.16
CA SER C 98 18.93 -17.25 -6.30
C SER C 98 17.70 -16.40 -6.03
N GLN C 99 16.61 -17.07 -5.76
CA GLN C 99 15.39 -16.34 -5.47
C GLN C 99 15.55 -15.38 -4.25
N ILE C 100 16.17 -15.83 -3.18
CA ILE C 100 16.42 -14.98 -2.01
C ILE C 100 17.30 -13.74 -2.30
N TYR C 101 18.34 -13.97 -3.07
CA TYR C 101 19.23 -12.87 -3.48
C TYR C 101 18.42 -11.84 -4.29
N GLU C 102 17.66 -12.30 -5.28
CA GLU C 102 16.92 -11.40 -6.17
C GLU C 102 15.80 -10.69 -5.41
N ASP C 103 15.18 -11.39 -4.45
CA ASP C 103 14.16 -10.78 -3.62
C ASP C 103 14.72 -9.64 -2.82
N SER C 104 15.91 -9.80 -2.25
CA SER C 104 16.52 -8.72 -1.50
C SER C 104 16.78 -7.45 -2.34
N ILE C 105 17.20 -7.70 -3.58
CA ILE C 105 17.38 -6.56 -4.52
C ILE C 105 16.09 -5.81 -4.73
N VAL C 106 14.99 -6.54 -4.90
CA VAL C 106 13.72 -5.85 -5.11
C VAL C 106 13.28 -5.10 -3.86
N LEU C 107 13.48 -5.72 -2.69
CA LEU C 107 13.05 -5.09 -1.47
C LEU C 107 13.85 -3.79 -1.22
N GLN C 108 15.13 -3.74 -1.56
CA GLN C 108 15.87 -2.47 -1.47
C GLN C 108 15.16 -1.37 -2.22
N SER C 109 14.76 -1.69 -3.45
CA SER C 109 14.02 -0.75 -4.28
C SER C 109 12.67 -0.34 -3.70
N VAL C 110 11.95 -1.31 -3.16
CA VAL C 110 10.70 -1.05 -2.47
C VAL C 110 10.88 -0.09 -1.33
N PHE C 111 11.96 -0.27 -0.53
CA PHE C 111 12.26 0.61 0.57
C PHE C 111 12.50 2.01 0.05
N LYS C 112 13.32 2.15 -0.99
CA LYS C 112 13.64 3.51 -1.51
C LYS C 112 12.43 4.22 -2.03
N SER C 113 11.57 3.50 -2.71
CA SER C 113 10.31 4.02 -3.23
C SER C 113 9.39 4.44 -2.12
N ALA C 114 9.32 3.63 -1.07
CA ALA C 114 8.45 3.95 0.06
C ALA C 114 8.90 5.18 0.83
N ARG C 115 10.20 5.30 1.05
CA ARG C 115 10.71 6.44 1.69
C ARG C 115 10.31 7.71 0.87
N GLN C 116 10.36 7.63 -0.44
CA GLN C 116 10.04 8.81 -1.23
C GLN C 116 8.53 9.11 -1.33
N LYS C 117 7.70 8.09 -1.31
CA LYS C 117 6.24 8.24 -1.29
C LYS C 117 5.82 8.85 0.01
N ILE C 118 6.32 8.25 1.08
CA ILE C 118 5.82 8.51 2.41
C ILE C 118 6.46 9.74 3.01
N ALA C 119 7.76 9.92 2.82
CA ALA C 119 8.49 10.91 3.57
C ALA C 119 9.62 11.52 2.75
N LYS C 120 9.28 12.01 1.55
CA LYS C 120 10.32 12.47 0.63
C LYS C 120 11.32 13.49 1.24
N GLU C 121 10.81 14.39 2.06
CA GLU C 121 11.58 15.56 2.55
C GLU C 121 12.36 15.39 3.90
N GLU C 122 12.48 14.17 4.43
CA GLU C 122 12.95 14.00 5.83
C GLU C 122 14.36 13.43 5.92
#